data_6SUS
#
_entry.id   6SUS
#
_cell.length_a   91.771
_cell.length_b   91.771
_cell.length_c   104.465
_cell.angle_alpha   90.000
_cell.angle_beta   90.000
_cell.angle_gamma   90.000
#
_symmetry.space_group_name_H-M   'P 43 21 2'
#
loop_
_entity.id
_entity.type
_entity.pdbx_description
1 polymer 'Bifunctional hemolysin/adenylate cyclase'
2 non-polymer 'CALCIUM ION'
3 non-polymer 'TRIETHYLENE GLYCOL'
4 non-polymer GLYCEROL
5 non-polymer 'NITRATE ION'
6 non-polymer 1,2-ETHANEDIOL
7 water water
#
_entity_poly.entity_id   1
_entity_poly.type   'polypeptide(L)'
_entity_poly.pdbx_seq_one_letter_code
;GILADLGAGRVDKLGEAGSSAYDTVSGIENVVGTELADRITGDAQANVLRGAGGADVLAGGEGDDVLLGGDGDDQLSGDA
GRDRLYGEAGDDWFFQDAANAGNLLDGGDGRDTVDFSGPGRGLDAGAKGVFLSLGKGFASLMDEPETSNVLRNIENAVGS
ARDDVLIGDAGANVLNGLAGNDVLSGGAGDDVLLGDEGSDLLSGDAGNDDLFGGQGDDTYLFGVGYGHDTIYESGGGHDT
IRINAGADQLWFARQGNDLEIRILGTDDALTVHDWYRDADHRVEIIHAANQAVDQAGIEKLVEAMAQYPDPGAAAAAPPA
;
_entity_poly.pdbx_strand_id   A
#
# COMPACT_ATOMS: atom_id res chain seq x y z
N ILE A 40 -17.15 -14.98 18.19
CA ILE A 40 -17.75 -14.17 19.29
C ILE A 40 -18.45 -12.96 18.68
N THR A 41 -19.78 -12.94 18.76
CA THR A 41 -20.57 -11.92 18.09
C THR A 41 -21.44 -11.19 19.11
N GLY A 42 -21.35 -9.87 19.11
CA GLY A 42 -22.16 -9.02 19.96
C GLY A 42 -23.57 -8.86 19.41
N ASP A 43 -24.34 -8.01 20.05
CA ASP A 43 -25.72 -7.73 19.64
C ASP A 43 -25.87 -6.22 19.62
N ALA A 44 -27.08 -5.68 19.72
CA ALA A 44 -27.25 -4.24 19.54
C ALA A 44 -26.84 -3.46 20.79
N GLN A 45 -26.55 -4.15 21.90
N GLN A 45 -26.53 -4.16 21.89
CA GLN A 45 -26.06 -3.49 23.11
CA GLN A 45 -26.02 -3.54 23.10
C GLN A 45 -24.59 -3.11 22.92
C GLN A 45 -24.60 -3.01 22.85
N ALA A 46 -24.11 -2.25 23.82
CA ALA A 46 -22.70 -1.90 23.87
C ALA A 46 -21.98 -3.04 24.59
N ASN A 47 -21.29 -3.87 23.81
CA ASN A 47 -20.70 -5.10 24.27
C ASN A 47 -19.19 -4.94 24.54
N VAL A 48 -18.70 -5.74 25.47
CA VAL A 48 -17.27 -5.95 25.65
C VAL A 48 -16.98 -7.42 25.36
N LEU A 49 -16.23 -7.68 24.30
CA LEU A 49 -15.99 -9.02 23.84
C LEU A 49 -14.50 -9.29 23.93
N ARG A 50 -14.08 -10.40 24.55
N ARG A 50 -14.18 -10.52 24.35
CA ARG A 50 -12.64 -10.62 24.83
CA ARG A 50 -12.81 -10.96 24.57
C ARG A 50 -12.28 -12.04 24.40
C ARG A 50 -12.54 -12.27 23.83
N GLY A 51 -11.43 -12.13 23.37
N GLY A 51 -11.45 -12.25 23.08
CA GLY A 51 -10.93 -13.42 22.91
CA GLY A 51 -10.82 -13.47 22.67
C GLY A 51 -9.84 -13.93 23.84
C GLY A 51 -9.83 -13.93 23.74
N ALA A 52 -9.38 -15.16 23.61
CA ALA A 52 -8.26 -15.70 24.39
C ALA A 52 -7.07 -15.94 23.45
N GLY A 53 -6.26 -16.97 23.70
CA GLY A 53 -4.97 -17.13 23.03
C GLY A 53 -5.08 -17.64 21.59
N GLY A 54 -6.24 -18.11 21.18
CA GLY A 54 -6.39 -18.61 19.82
C GLY A 54 -6.70 -17.52 18.80
N ALA A 55 -6.88 -17.96 17.55
CA ALA A 55 -7.32 -17.12 16.46
C ALA A 55 -8.85 -16.95 16.54
N ASP A 56 -9.28 -15.81 17.04
CA ASP A 56 -10.69 -15.53 17.28
C ASP A 56 -11.28 -14.63 16.21
N VAL A 57 -12.57 -14.80 15.95
CA VAL A 57 -13.33 -13.90 15.09
C VAL A 57 -14.31 -13.14 16.00
N LEU A 58 -14.07 -11.83 16.17
N LEU A 58 -14.08 -11.83 16.15
CA LEU A 58 -14.90 -10.97 17.04
CA LEU A 58 -14.91 -10.99 17.00
C LEU A 58 -15.68 -9.97 16.16
C LEU A 58 -15.69 -9.99 16.14
N ALA A 59 -16.98 -9.85 16.41
CA ALA A 59 -17.83 -8.89 15.70
C ALA A 59 -18.74 -8.20 16.71
N GLY A 60 -18.71 -6.87 16.77
CA GLY A 60 -19.40 -6.12 17.82
C GLY A 60 -20.91 -5.99 17.60
N GLY A 61 -21.34 -6.05 16.35
CA GLY A 61 -22.73 -5.68 16.03
C GLY A 61 -23.01 -4.20 16.25
N GLU A 62 -24.28 -3.83 16.29
CA GLU A 62 -24.67 -2.44 16.53
C GLU A 62 -24.21 -2.01 17.93
N GLY A 63 -24.18 -0.70 18.12
CA GLY A 63 -23.79 -0.12 19.39
C GLY A 63 -22.29 0.07 19.48
N ASP A 64 -21.88 0.72 20.55
CA ASP A 64 -20.49 1.10 20.77
C ASP A 64 -19.78 0.01 21.58
N ASP A 65 -19.00 -0.82 20.89
CA ASP A 65 -18.42 -2.02 21.49
C ASP A 65 -16.93 -1.87 21.78
N VAL A 66 -16.44 -2.72 22.65
CA VAL A 66 -15.00 -2.87 22.90
C VAL A 66 -14.63 -4.33 22.59
N LEU A 67 -13.69 -4.52 21.66
CA LEU A 67 -13.23 -5.85 21.27
C LEU A 67 -11.75 -5.97 21.64
N LEU A 68 -11.41 -7.04 22.35
CA LEU A 68 -10.06 -7.31 22.80
C LEU A 68 -9.69 -8.72 22.32
N GLY A 69 -8.81 -8.80 21.32
CA GLY A 69 -8.63 -10.06 20.62
C GLY A 69 -7.77 -11.07 21.39
N GLY A 70 -6.97 -10.58 22.33
CA GLY A 70 -5.98 -11.41 23.02
C GLY A 70 -4.86 -11.85 22.10
N ASP A 71 -4.08 -12.82 22.56
CA ASP A 71 -3.04 -13.43 21.73
C ASP A 71 -3.63 -14.08 20.49
N GLY A 72 -2.75 -14.43 19.55
CA GLY A 72 -3.14 -15.09 18.37
C GLY A 72 -3.64 -14.12 17.31
N ASP A 73 -3.86 -14.65 16.12
CA ASP A 73 -4.16 -13.86 14.93
C ASP A 73 -5.67 -13.75 14.79
N ASP A 74 -6.20 -12.63 15.26
CA ASP A 74 -7.63 -12.42 15.39
C ASP A 74 -8.21 -11.61 14.22
N GLN A 75 -9.51 -11.71 14.04
CA GLN A 75 -10.25 -10.91 13.08
C GLN A 75 -11.29 -10.10 13.86
N LEU A 76 -11.24 -8.77 13.73
CA LEU A 76 -12.10 -7.87 14.51
C LEU A 76 -12.93 -6.98 13.57
N SER A 77 -14.22 -6.89 13.83
CA SER A 77 -15.15 -6.02 13.12
C SER A 77 -16.02 -5.26 14.13
N GLY A 78 -15.96 -3.93 14.14
CA GLY A 78 -16.82 -3.15 15.04
C GLY A 78 -18.28 -3.18 14.63
N ASP A 79 -18.52 -3.35 13.33
CA ASP A 79 -19.84 -3.16 12.71
C ASP A 79 -20.34 -1.73 12.96
N ALA A 80 -21.66 -1.50 12.98
CA ALA A 80 -22.18 -0.14 13.18
C ALA A 80 -21.81 0.34 14.59
N GLY A 81 -21.91 1.64 14.78
CA GLY A 81 -21.56 2.29 16.03
C GLY A 81 -20.10 2.76 16.06
N ARG A 82 -19.68 3.25 17.22
N ARG A 82 -19.72 3.35 17.19
CA ARG A 82 -18.35 3.80 17.42
CA ARG A 82 -18.36 3.83 17.43
C ARG A 82 -17.60 2.87 18.36
C ARG A 82 -17.65 2.81 18.34
N ASP A 83 -16.70 2.08 17.77
CA ASP A 83 -16.12 0.92 18.41
C ASP A 83 -14.64 1.13 18.73
N ARG A 84 -14.21 0.45 19.78
CA ARG A 84 -12.78 0.41 20.18
C ARG A 84 -12.26 -1.01 19.98
N LEU A 85 -11.27 -1.16 19.11
N LEU A 85 -11.39 -1.19 18.99
CA LEU A 85 -10.89 -2.48 18.60
CA LEU A 85 -10.91 -2.51 18.62
C LEU A 85 -9.39 -2.72 18.82
C LEU A 85 -9.43 -2.61 18.97
N TYR A 86 -9.08 -3.65 19.72
CA TYR A 86 -7.73 -3.95 20.14
C TYR A 86 -7.34 -5.36 19.72
N GLY A 87 -6.46 -5.46 18.73
CA GLY A 87 -6.01 -6.76 18.26
C GLY A 87 -5.11 -7.47 19.28
N GLU A 88 -4.36 -6.68 20.03
CA GLU A 88 -3.37 -7.13 21.03
C GLU A 88 -2.28 -7.96 20.33
N ALA A 89 -1.67 -8.91 21.01
CA ALA A 89 -0.55 -9.64 20.38
C ALA A 89 -1.04 -10.45 19.18
N GLY A 90 -0.12 -10.79 18.29
CA GLY A 90 -0.45 -11.51 17.08
C GLY A 90 -0.71 -10.57 15.91
N ASP A 91 -0.91 -11.19 14.76
CA ASP A 91 -1.07 -10.53 13.47
C ASP A 91 -2.56 -10.51 13.17
N ASP A 92 -3.18 -9.39 13.53
CA ASP A 92 -4.62 -9.24 13.55
C ASP A 92 -5.12 -8.48 12.32
N TRP A 93 -6.38 -8.71 12.02
CA TRP A 93 -7.05 -8.18 10.86
C TRP A 93 -8.29 -7.41 11.32
N PHE A 94 -8.50 -6.24 10.75
CA PHE A 94 -9.64 -5.41 11.08
C PHE A 94 -10.47 -5.16 9.82
N PHE A 95 -11.75 -5.46 9.86
CA PHE A 95 -12.69 -5.18 8.76
C PHE A 95 -13.51 -3.93 9.11
N GLN A 96 -13.29 -2.86 8.36
CA GLN A 96 -13.85 -1.54 8.67
C GLN A 96 -14.48 -0.91 7.42
N ASP A 97 -15.68 -0.37 7.60
CA ASP A 97 -16.34 0.45 6.58
C ASP A 97 -15.81 1.87 6.74
N ALA A 98 -15.21 2.41 5.68
CA ALA A 98 -14.61 3.74 5.74
C ALA A 98 -15.67 4.80 6.08
N ALA A 99 -16.93 4.54 5.75
CA ALA A 99 -18.02 5.50 5.96
C ALA A 99 -18.54 5.47 7.39
N ASN A 100 -18.12 4.48 8.18
CA ASN A 100 -18.50 4.36 9.60
C ASN A 100 -17.43 5.05 10.44
N ALA A 101 -17.71 6.27 10.89
CA ALA A 101 -16.73 7.12 11.55
C ALA A 101 -16.68 6.84 13.06
N GLY A 102 -15.60 7.29 13.69
CA GLY A 102 -15.57 7.42 15.15
C GLY A 102 -15.03 6.20 15.87
N ASN A 103 -14.36 5.30 15.15
CA ASN A 103 -13.81 4.09 15.74
C ASN A 103 -12.32 4.27 16.04
N LEU A 104 -11.82 3.41 16.92
CA LEU A 104 -10.39 3.22 17.14
C LEU A 104 -10.02 1.79 16.71
N LEU A 105 -9.12 1.68 15.75
N LEU A 105 -9.04 1.67 15.82
CA LEU A 105 -8.51 0.42 15.37
CA LEU A 105 -8.52 0.39 15.39
C LEU A 105 -7.07 0.43 15.88
C LEU A 105 -7.04 0.31 15.77
N ASP A 106 -6.77 -0.47 16.81
CA ASP A 106 -5.44 -0.55 17.42
C ASP A 106 -4.89 -1.96 17.27
N GLY A 107 -3.89 -2.12 16.41
CA GLY A 107 -3.36 -3.43 16.06
C GLY A 107 -2.63 -4.11 17.22
N GLY A 108 -2.16 -3.36 18.18
CA GLY A 108 -1.26 -3.91 19.21
C GLY A 108 0.05 -4.36 18.60
N ASP A 109 0.82 -5.15 19.36
CA ASP A 109 2.04 -5.74 18.83
C ASP A 109 1.74 -6.69 17.68
N GLY A 110 2.76 -7.03 16.92
CA GLY A 110 2.59 -7.88 15.75
C GLY A 110 2.27 -7.06 14.52
N ARG A 111 2.06 -7.77 13.43
CA ARG A 111 1.92 -7.17 12.10
C ARG A 111 0.45 -7.25 11.70
N ASP A 112 -0.22 -6.11 11.81
CA ASP A 112 -1.66 -6.01 11.75
C ASP A 112 -2.13 -5.30 10.47
N THR A 113 -3.30 -5.70 9.99
CA THR A 113 -3.85 -5.23 8.70
C THR A 113 -5.23 -4.61 8.93
N VAL A 114 -5.46 -3.42 8.39
CA VAL A 114 -6.80 -2.84 8.34
C VAL A 114 -7.32 -3.01 6.90
N ASP A 115 -8.57 -3.38 6.76
CA ASP A 115 -9.14 -3.81 5.47
C ASP A 115 -10.47 -3.08 5.27
N PHE A 116 -10.48 -2.20 4.26
CA PHE A 116 -11.64 -1.36 3.99
C PHE A 116 -12.45 -1.90 2.79
N SER A 117 -12.25 -3.16 2.39
CA SER A 117 -12.75 -3.65 1.09
C SER A 117 -14.19 -4.19 1.21
N GLY A 118 -14.70 -4.40 2.41
CA GLY A 118 -16.00 -5.10 2.57
C GLY A 118 -17.13 -4.42 1.80
N ALA A 127 -20.68 4.87 -3.32
CA ALA A 127 -19.61 4.50 -2.39
C ALA A 127 -18.32 5.19 -2.84
N LYS A 128 -17.47 5.54 -1.87
CA LYS A 128 -16.23 6.24 -2.18
C LYS A 128 -15.07 5.51 -1.52
N GLY A 129 -13.85 5.88 -1.91
CA GLY A 129 -12.69 5.16 -1.42
C GLY A 129 -12.25 5.68 -0.06
N VAL A 130 -11.05 5.28 0.36
CA VAL A 130 -10.52 5.65 1.66
C VAL A 130 -9.18 6.37 1.46
N PHE A 131 -8.99 7.42 2.24
CA PHE A 131 -7.72 8.12 2.40
C PHE A 131 -7.14 7.69 3.74
N LEU A 132 -6.03 6.96 3.74
CA LEU A 132 -5.48 6.60 5.05
C LEU A 132 -3.98 6.85 5.08
N SER A 133 -3.56 7.17 6.30
CA SER A 133 -2.18 7.39 6.60
C SER A 133 -1.82 6.61 7.85
N LEU A 134 -0.96 5.61 7.70
CA LEU A 134 -0.47 4.88 8.88
C LEU A 134 0.50 5.76 9.67
N GLY A 135 1.18 6.68 9.01
CA GLY A 135 2.11 7.58 9.70
C GLY A 135 1.39 8.57 10.61
N LYS A 136 0.31 9.15 10.10
CA LYS A 136 -0.46 10.14 10.88
C LYS A 136 -1.52 9.45 11.75
N GLY A 137 -1.92 8.24 11.38
CA GLY A 137 -2.81 7.45 12.23
C GLY A 137 -4.29 7.74 12.00
N PHE A 138 -4.71 7.86 10.75
CA PHE A 138 -6.15 8.06 10.48
C PHE A 138 -6.54 7.41 9.15
N ALA A 139 -7.85 7.19 8.99
CA ALA A 139 -8.46 6.85 7.71
C ALA A 139 -9.75 7.66 7.58
N SER A 140 -9.95 8.33 6.45
CA SER A 140 -11.19 9.09 6.27
C SER A 140 -11.75 8.80 4.88
N LEU A 141 -13.05 9.04 4.72
CA LEU A 141 -13.73 8.82 3.47
C LEU A 141 -13.15 9.77 2.44
N MET A 142 -12.87 9.25 1.27
CA MET A 142 -12.46 10.10 0.18
C MET A 142 -13.63 11.05 -0.08
N ASP A 143 -13.34 12.33 -0.27
CA ASP A 143 -14.38 13.35 -0.48
C ASP A 143 -15.16 13.68 0.80
N GLU A 144 -14.60 13.43 2.00
CA GLU A 144 -15.35 13.65 3.25
C GLU A 144 -14.46 13.44 4.48
N PRO A 145 -13.49 14.35 4.69
CA PRO A 145 -12.46 14.27 5.73
C PRO A 145 -13.00 14.23 7.16
N GLU A 146 -14.21 14.75 7.38
CA GLU A 146 -14.83 14.72 8.70
C GLU A 146 -15.27 13.30 9.07
N THR A 147 -15.43 12.41 8.08
CA THR A 147 -15.82 11.02 8.36
C THR A 147 -14.53 10.21 8.53
N SER A 148 -14.07 10.07 9.77
CA SER A 148 -12.72 9.60 10.04
CA SER A 148 -12.72 9.59 10.02
C SER A 148 -12.70 8.53 11.14
N ASN A 149 -11.64 7.73 11.11
CA ASN A 149 -11.35 6.69 12.08
C ASN A 149 -9.90 6.82 12.53
N VAL A 150 -9.61 6.42 13.76
CA VAL A 150 -8.25 6.45 14.32
C VAL A 150 -7.59 5.08 14.13
N LEU A 151 -6.36 5.10 13.61
CA LEU A 151 -5.53 3.93 13.43
C LEU A 151 -4.30 4.03 14.33
N ARG A 152 -4.02 2.98 15.08
CA ARG A 152 -2.83 2.89 15.90
C ARG A 152 -2.17 1.51 15.75
N ASN A 153 -0.83 1.45 15.66
CA ASN A 153 -0.08 0.19 15.73
C ASN A 153 -0.46 -0.76 14.60
N ILE A 154 -0.86 -0.21 13.43
CA ILE A 154 -1.24 -1.01 12.27
C ILE A 154 -0.17 -0.82 11.17
N GLU A 155 0.25 -1.95 10.58
CA GLU A 155 1.39 -1.98 9.67
C GLU A 155 0.93 -2.05 8.20
N ASN A 156 -0.21 -2.65 7.94
CA ASN A 156 -0.64 -2.96 6.58
C ASN A 156 -2.04 -2.41 6.33
N ALA A 157 -2.36 -2.11 5.06
CA ALA A 157 -3.68 -1.62 4.73
C ALA A 157 -4.16 -2.22 3.41
N VAL A 158 -5.43 -2.60 3.39
CA VAL A 158 -6.18 -2.95 2.18
C VAL A 158 -7.26 -1.89 1.95
N GLY A 159 -7.32 -1.37 0.73
CA GLY A 159 -8.27 -0.31 0.38
C GLY A 159 -9.63 -0.87 -0.03
N SER A 160 -10.16 -0.27 -1.10
CA SER A 160 -11.52 -0.54 -1.59
C SER A 160 -11.48 -0.68 -3.11
N ALA A 161 -12.62 -1.06 -3.68
CA ALA A 161 -12.75 -1.15 -5.15
C ALA A 161 -12.75 0.25 -5.80
N ARG A 162 -12.82 1.31 -5.00
CA ARG A 162 -12.87 2.68 -5.46
C ARG A 162 -11.48 3.31 -5.43
N ASP A 163 -11.37 4.58 -5.81
CA ASP A 163 -10.09 5.29 -5.81
C ASP A 163 -9.64 5.59 -4.38
N ASP A 164 -8.53 5.01 -3.94
CA ASP A 164 -8.03 5.21 -2.59
C ASP A 164 -6.69 5.96 -2.62
N VAL A 165 -6.30 6.47 -1.45
CA VAL A 165 -4.97 6.97 -1.21
C VAL A 165 -4.46 6.27 0.06
N LEU A 166 -3.42 5.42 -0.07
CA LEU A 166 -2.90 4.70 1.08
C LEU A 166 -1.46 5.15 1.32
N ILE A 167 -1.22 5.67 2.51
N ILE A 167 -1.21 5.75 2.49
CA ILE A 167 0.08 6.16 2.88
CA ILE A 167 0.12 6.26 2.87
C ILE A 167 0.57 5.32 4.05
C ILE A 167 0.63 5.45 4.07
N GLY A 168 1.81 4.86 3.93
CA GLY A 168 2.42 4.03 4.97
C GLY A 168 3.07 4.88 6.06
N ASP A 169 3.91 4.24 6.84
CA ASP A 169 4.73 4.93 7.85
C ASP A 169 6.20 4.55 7.66
N ALA A 170 7.05 4.85 8.64
CA ALA A 170 8.49 4.67 8.45
C ALA A 170 8.88 3.18 8.58
N GLY A 171 7.94 2.32 8.98
CA GLY A 171 8.19 0.89 9.09
C GLY A 171 7.86 0.16 7.79
N ALA A 172 8.03 -1.16 7.80
CA ALA A 172 7.67 -2.01 6.66
C ALA A 172 6.13 -2.07 6.57
N ASN A 173 5.58 -1.74 5.41
CA ASN A 173 4.13 -1.73 5.23
C ASN A 173 3.76 -2.51 3.97
N VAL A 174 2.64 -3.23 4.01
CA VAL A 174 2.00 -3.71 2.79
C VAL A 174 0.76 -2.85 2.54
N LEU A 175 0.67 -2.26 1.35
CA LEU A 175 -0.43 -1.39 0.97
C LEU A 175 -1.04 -1.95 -0.31
N ASN A 176 -2.31 -2.31 -0.24
CA ASN A 176 -2.98 -2.99 -1.34
C ASN A 176 -4.19 -2.15 -1.78
N GLY A 177 -4.09 -1.55 -2.97
CA GLY A 177 -5.10 -0.64 -3.48
C GLY A 177 -6.37 -1.32 -3.99
N LEU A 178 -6.30 -2.58 -4.38
CA LEU A 178 -7.41 -3.28 -5.07
C LEU A 178 -7.85 -2.45 -6.29
N ALA A 179 -9.09 -2.61 -6.72
CA ALA A 179 -9.53 -1.96 -7.97
C ALA A 179 -9.64 -0.44 -7.75
N GLY A 180 -9.85 0.28 -8.85
CA GLY A 180 -9.86 1.71 -8.80
C GLY A 180 -8.47 2.27 -9.03
N ASN A 181 -8.43 3.58 -9.19
CA ASN A 181 -7.21 4.30 -9.53
C ASN A 181 -6.63 4.86 -8.22
N ASP A 182 -5.61 4.18 -7.70
CA ASP A 182 -5.15 4.42 -6.34
C ASP A 182 -3.79 5.15 -6.31
N VAL A 183 -3.53 5.83 -5.21
CA VAL A 183 -2.22 6.43 -4.93
C VAL A 183 -1.65 5.69 -3.71
N LEU A 184 -0.47 5.11 -3.86
CA LEU A 184 0.17 4.35 -2.79
C LEU A 184 1.55 4.94 -2.52
N SER A 185 1.79 5.32 -1.28
N SER A 185 1.81 5.28 -1.27
CA SER A 185 3.09 5.88 -0.84
CA SER A 185 3.08 5.87 -0.85
C SER A 185 3.61 5.06 0.33
C SER A 185 3.63 5.10 0.36
N GLY A 186 4.77 4.43 0.19
CA GLY A 186 5.30 3.53 1.21
C GLY A 186 5.90 4.23 2.42
N GLY A 187 6.45 5.42 2.22
CA GLY A 187 7.29 6.04 3.24
C GLY A 187 8.57 5.26 3.45
N ALA A 188 9.28 5.54 4.54
CA ALA A 188 10.56 4.86 4.81
C ALA A 188 10.30 3.38 5.09
N GLY A 189 11.37 2.61 5.25
CA GLY A 189 11.19 1.19 5.46
C GLY A 189 10.92 0.44 4.16
N ASP A 190 10.96 -0.89 4.27
CA ASP A 190 10.85 -1.76 3.13
C ASP A 190 9.39 -2.18 2.98
N ASP A 191 8.76 -1.67 1.93
CA ASP A 191 7.31 -1.81 1.72
C ASP A 191 6.96 -2.67 0.51
N VAL A 192 5.75 -3.21 0.50
CA VAL A 192 5.20 -3.85 -0.66
C VAL A 192 3.93 -3.08 -1.05
N LEU A 193 3.89 -2.59 -2.29
CA LEU A 193 2.75 -1.83 -2.79
C LEU A 193 2.10 -2.59 -3.94
N LEU A 194 0.79 -2.81 -3.84
CA LEU A 194 0.04 -3.52 -4.90
C LEU A 194 -1.06 -2.61 -5.43
N GLY A 195 -0.90 -2.18 -6.69
CA GLY A 195 -1.88 -1.33 -7.32
C GLY A 195 -3.13 -2.09 -7.75
N ASP A 196 -2.96 -3.34 -8.15
CA ASP A 196 -4.08 -4.19 -8.62
C ASP A 196 -4.68 -3.53 -9.88
N GLU A 197 -5.94 -3.82 -10.18
N GLU A 197 -5.94 -3.82 -10.19
CA GLU A 197 -6.62 -3.25 -11.33
CA GLU A 197 -6.61 -3.24 -11.35
C GLU A 197 -6.66 -1.72 -11.18
C GLU A 197 -6.68 -1.72 -11.19
N GLY A 198 -6.62 -1.05 -12.33
CA GLY A 198 -6.76 0.39 -12.39
C GLY A 198 -5.45 1.09 -12.69
N SER A 199 -5.54 2.40 -12.85
N SER A 199 -5.54 2.40 -12.88
CA SER A 199 -4.40 3.26 -13.16
CA SER A 199 -4.38 3.24 -13.14
C SER A 199 -3.83 3.79 -11.84
C SER A 199 -3.85 3.77 -11.82
N ASP A 200 -2.77 3.14 -11.33
CA ASP A 200 -2.26 3.40 -10.00
C ASP A 200 -0.96 4.20 -10.02
N LEU A 201 -0.75 4.99 -8.97
CA LEU A 201 0.50 5.71 -8.76
C LEU A 201 1.20 5.11 -7.53
N LEU A 202 2.37 4.52 -7.73
CA LEU A 202 3.14 3.85 -6.70
C LEU A 202 4.46 4.59 -6.46
N SER A 203 4.73 4.87 -5.20
CA SER A 203 6.02 5.38 -4.78
C SER A 203 6.47 4.62 -3.53
N GLY A 204 7.56 3.86 -3.62
CA GLY A 204 8.04 3.12 -2.44
C GLY A 204 8.74 4.01 -1.44
N ASP A 205 9.24 5.14 -1.94
CA ASP A 205 9.98 6.12 -1.16
C ASP A 205 11.31 5.51 -0.67
N ALA A 206 11.82 5.94 0.49
CA ALA A 206 13.07 5.42 1.04
C ALA A 206 12.87 3.94 1.41
N GLY A 207 13.97 3.24 1.58
CA GLY A 207 13.94 1.80 1.86
C GLY A 207 13.87 1.01 0.56
N ASN A 208 13.92 -0.31 0.69
CA ASN A 208 13.94 -1.20 -0.46
C ASN A 208 12.55 -1.82 -0.65
N ASP A 209 11.87 -1.42 -1.73
CA ASP A 209 10.44 -1.65 -1.87
C ASP A 209 10.14 -2.53 -3.09
N ASP A 210 9.06 -3.31 -2.97
CA ASP A 210 8.50 -4.07 -4.08
C ASP A 210 7.21 -3.43 -4.56
N LEU A 211 7.16 -3.11 -5.87
CA LEU A 211 6.12 -2.31 -6.47
C LEU A 211 5.40 -3.13 -7.55
N PHE A 212 4.19 -3.58 -7.24
CA PHE A 212 3.38 -4.36 -8.16
C PHE A 212 2.25 -3.49 -8.69
N GLY A 213 2.41 -2.84 -9.84
CA GLY A 213 1.37 -1.91 -10.32
C GLY A 213 0.07 -2.58 -10.70
N GLY A 214 0.17 -3.85 -11.12
CA GLY A 214 -0.97 -4.63 -11.54
C GLY A 214 -1.34 -4.36 -13.00
N GLN A 215 -2.52 -4.82 -13.35
CA GLN A 215 -3.12 -4.47 -14.65
C GLN A 215 -3.38 -2.97 -14.67
N GLY A 216 -3.63 -2.44 -15.87
CA GLY A 216 -3.87 -1.01 -16.03
C GLY A 216 -2.57 -0.24 -16.19
N ASP A 217 -2.74 1.03 -16.52
CA ASP A 217 -1.64 1.93 -16.82
C ASP A 217 -1.11 2.57 -15.54
N ASP A 218 -0.01 2.05 -15.04
CA ASP A 218 0.52 2.47 -13.76
C ASP A 218 1.73 3.38 -13.88
N THR A 219 1.90 4.26 -12.89
CA THR A 219 3.04 5.13 -12.82
C THR A 219 3.85 4.80 -11.55
N TYR A 220 5.16 4.66 -11.69
CA TYR A 220 6.06 4.36 -10.60
C TYR A 220 7.02 5.53 -10.41
N LEU A 221 7.19 6.00 -9.19
CA LEU A 221 8.06 7.14 -8.89
C LEU A 221 9.37 6.63 -8.28
N PHE A 222 10.45 7.31 -8.59
CA PHE A 222 11.74 6.95 -8.08
C PHE A 222 12.63 8.19 -8.10
N GLY A 223 13.71 8.17 -7.35
CA GLY A 223 14.65 9.31 -7.34
C GLY A 223 15.81 9.08 -6.40
N VAL A 224 16.59 10.12 -6.17
CA VAL A 224 17.73 10.05 -5.25
C VAL A 224 17.22 9.72 -3.85
N GLY A 225 17.88 8.75 -3.21
CA GLY A 225 17.57 8.35 -1.86
C GLY A 225 16.47 7.30 -1.79
N TYR A 226 15.97 6.82 -2.92
CA TYR A 226 14.86 5.84 -2.93
C TYR A 226 15.37 4.40 -2.76
N GLY A 227 16.68 4.18 -2.63
CA GLY A 227 17.18 2.82 -2.31
C GLY A 227 17.11 1.87 -3.50
N HIS A 228 16.88 0.59 -3.20
N HIS A 228 16.93 0.58 -3.22
CA HIS A 228 16.80 -0.48 -4.20
CA HIS A 228 16.80 -0.39 -4.29
C HIS A 228 15.34 -0.94 -4.35
C HIS A 228 15.35 -0.89 -4.35
N ASP A 229 14.66 -0.47 -5.40
CA ASP A 229 13.26 -0.84 -5.60
C ASP A 229 13.13 -1.72 -6.81
N THR A 230 12.20 -2.67 -6.73
CA THR A 230 11.88 -3.57 -7.85
C THR A 230 10.44 -3.38 -8.30
N ILE A 231 10.27 -3.25 -9.61
CA ILE A 231 8.97 -3.20 -10.22
C ILE A 231 8.64 -4.57 -10.82
N TYR A 232 7.41 -5.00 -10.56
CA TYR A 232 6.84 -6.20 -11.18
C TYR A 232 5.56 -5.80 -11.89
N GLU A 233 5.61 -5.80 -13.22
CA GLU A 233 4.46 -5.42 -14.03
C GLU A 233 3.76 -6.67 -14.60
N SER A 234 2.44 -6.63 -14.67
CA SER A 234 1.63 -7.75 -15.21
C SER A 234 0.90 -7.34 -16.49
N GLY A 235 0.61 -6.05 -16.67
CA GLY A 235 -0.19 -5.64 -17.82
C GLY A 235 -0.35 -4.14 -17.93
N GLY A 236 -0.52 -3.65 -19.15
CA GLY A 236 -0.76 -2.22 -19.35
C GLY A 236 0.04 -1.68 -20.53
N GLY A 237 -0.70 -1.10 -21.47
CA GLY A 237 -0.11 -0.59 -22.70
C GLY A 237 0.60 0.74 -22.49
N HIS A 238 0.36 1.40 -21.34
CA HIS A 238 0.99 2.68 -21.08
C HIS A 238 1.39 2.82 -19.60
N ASP A 239 2.25 1.93 -19.09
CA ASP A 239 2.89 2.13 -17.77
C ASP A 239 4.07 3.11 -17.92
N THR A 240 4.39 3.80 -16.82
N THR A 240 4.41 3.81 -16.84
CA THR A 240 5.38 4.87 -16.79
CA THR A 240 5.49 4.77 -16.90
C THR A 240 6.26 4.77 -15.55
C THR A 240 6.26 4.79 -15.57
N ILE A 241 7.54 5.11 -15.70
CA ILE A 241 8.44 5.37 -14.59
C ILE A 241 8.81 6.85 -14.66
N ARG A 242 8.75 7.54 -13.53
CA ARG A 242 9.29 8.93 -13.42
C ARG A 242 10.42 8.95 -12.41
N ILE A 243 11.64 9.14 -12.93
N ILE A 243 11.62 9.45 -12.76
CA ILE A 243 12.86 9.26 -12.17
CA ILE A 243 12.74 9.49 -11.79
C ILE A 243 13.27 10.74 -12.14
C ILE A 243 13.08 10.95 -11.38
N ASN A 244 13.38 11.25 -10.92
N ASN A 244 13.15 11.22 -10.08
CA ASN A 244 13.70 12.64 -10.66
CA ASN A 244 13.53 12.56 -9.53
C ASN A 244 15.21 12.80 -10.45
C ASN A 244 15.05 12.62 -9.30
N ALA A 245 15.98 11.86 -10.94
N ALA A 245 15.75 12.77 -10.43
CA ALA A 245 17.40 12.08 -10.96
CA ALA A 245 17.22 12.77 -10.51
C ALA A 245 17.67 13.06 -12.09
C ALA A 245 17.61 13.21 -11.94
N GLY A 246 18.88 13.61 -12.13
CA GLY A 246 19.37 14.14 -13.41
C GLY A 246 19.57 12.99 -14.39
N ALA A 247 19.10 13.16 -15.62
CA ALA A 247 19.16 12.08 -16.59
C ALA A 247 20.59 11.54 -16.73
N ASP A 248 21.60 12.40 -16.73
CA ASP A 248 22.96 11.92 -16.92
C ASP A 248 23.60 11.41 -15.62
N GLN A 249 22.77 11.25 -14.60
CA GLN A 249 23.14 10.45 -13.45
C GLN A 249 22.76 8.98 -13.69
N LEU A 250 21.99 8.70 -14.73
CA LEU A 250 21.38 7.36 -14.93
C LEU A 250 22.28 6.43 -15.76
N TRP A 251 22.30 5.17 -15.32
CA TRP A 251 23.03 4.08 -15.95
C TRP A 251 22.06 2.91 -16.12
N PHE A 252 21.77 2.54 -17.38
CA PHE A 252 20.85 1.45 -17.73
C PHE A 252 21.65 0.19 -18.08
N ALA A 253 21.22 -0.95 -17.57
CA ALA A 253 21.92 -2.21 -17.83
C ALA A 253 20.94 -3.37 -17.81
N ARG A 254 21.23 -4.41 -18.61
CA ARG A 254 20.50 -5.67 -18.55
C ARG A 254 21.22 -6.59 -17.55
N GLN A 255 20.46 -7.16 -16.61
CA GLN A 255 20.99 -8.07 -15.62
C GLN A 255 20.11 -9.32 -15.64
N GLY A 256 20.58 -10.40 -16.26
CA GLY A 256 19.68 -11.52 -16.58
C GLY A 256 18.58 -11.09 -17.53
N ASN A 257 17.32 -11.29 -17.11
CA ASN A 257 16.16 -10.81 -17.86
C ASN A 257 15.60 -9.52 -17.23
N ASP A 258 16.32 -8.89 -16.31
CA ASP A 258 15.85 -7.63 -15.66
C ASP A 258 16.49 -6.41 -16.32
N LEU A 259 15.77 -5.29 -16.30
CA LEU A 259 16.35 -3.96 -16.58
C LEU A 259 16.72 -3.29 -15.25
N GLU A 260 17.95 -2.82 -15.16
CA GLU A 260 18.49 -2.18 -13.98
C GLU A 260 18.82 -0.72 -14.30
N ILE A 261 18.28 0.20 -13.52
CA ILE A 261 18.54 1.66 -13.71
C ILE A 261 19.17 2.18 -12.42
N ARG A 262 20.44 2.61 -12.50
CA ARG A 262 21.16 3.09 -11.34
C ARG A 262 21.30 4.62 -11.46
N ILE A 263 21.38 5.30 -10.32
CA ILE A 263 21.71 6.73 -10.30
C ILE A 263 23.20 6.84 -9.92
N LEU A 264 24.04 7.23 -10.87
CA LEU A 264 25.49 7.42 -10.60
C LEU A 264 25.69 8.39 -9.44
N GLY A 265 26.51 8.00 -8.46
CA GLY A 265 26.82 8.83 -7.30
C GLY A 265 26.11 8.39 -6.03
N THR A 266 25.34 7.30 -6.13
CA THR A 266 24.46 6.87 -5.07
C THR A 266 24.40 5.34 -5.03
N ASP A 267 23.80 4.80 -3.98
CA ASP A 267 23.42 3.40 -3.96
C ASP A 267 21.97 3.17 -4.41
N ASP A 268 21.39 4.08 -5.21
CA ASP A 268 19.97 3.95 -5.65
C ASP A 268 19.84 3.22 -6.98
N ALA A 269 18.91 2.25 -7.03
CA ALA A 269 18.72 1.45 -8.22
C ALA A 269 17.26 0.99 -8.33
N LEU A 270 16.70 1.12 -9.53
CA LEU A 270 15.36 0.69 -9.85
C LEU A 270 15.46 -0.48 -10.82
N THR A 271 14.99 -1.64 -10.37
CA THR A 271 15.02 -2.86 -11.20
C THR A 271 13.61 -3.17 -11.72
N VAL A 272 13.50 -3.41 -13.02
CA VAL A 272 12.26 -3.85 -13.56
C VAL A 272 12.38 -5.36 -13.82
N HIS A 273 11.64 -6.12 -13.00
CA HIS A 273 11.74 -7.59 -13.01
C HIS A 273 11.20 -8.19 -14.31
N ASP A 274 12.03 -9.03 -14.94
CA ASP A 274 11.66 -9.78 -16.15
C ASP A 274 11.30 -8.90 -17.35
N TRP A 275 11.83 -7.69 -17.35
CA TRP A 275 11.69 -6.76 -18.46
C TRP A 275 11.90 -7.51 -19.79
N TYR A 276 12.97 -8.29 -19.89
CA TYR A 276 13.39 -8.89 -21.19
C TYR A 276 12.68 -10.22 -21.43
N ARG A 277 11.94 -10.74 -20.45
CA ARG A 277 11.31 -12.07 -20.58
C ARG A 277 10.00 -11.99 -21.38
N ASP A 278 9.25 -10.90 -21.25
N ASP A 278 9.23 -10.91 -21.22
CA ASP A 278 8.01 -10.73 -22.01
CA ASP A 278 8.00 -10.73 -21.98
C ASP A 278 7.47 -9.30 -21.94
C ASP A 278 7.52 -9.28 -21.98
N ALA A 279 6.69 -8.95 -22.96
CA ALA A 279 6.20 -7.58 -23.16
C ALA A 279 5.26 -7.14 -22.03
N ASP A 280 4.53 -8.07 -21.41
CA ASP A 280 3.67 -7.72 -20.28
C ASP A 280 4.41 -7.18 -19.04
N HIS A 281 5.73 -7.41 -18.97
CA HIS A 281 6.54 -7.00 -17.82
C HIS A 281 7.28 -5.69 -18.11
N ARG A 282 7.00 -5.05 -19.24
CA ARG A 282 7.74 -3.83 -19.58
C ARG A 282 6.89 -2.60 -19.22
N VAL A 283 7.64 -1.55 -18.94
CA VAL A 283 7.10 -0.22 -18.80
C VAL A 283 7.43 0.52 -20.10
N GLU A 284 6.47 1.30 -20.60
CA GLU A 284 6.51 1.81 -21.97
C GLU A 284 7.19 3.18 -22.04
N ILE A 285 7.14 4.01 -20.98
CA ILE A 285 7.89 5.28 -20.97
C ILE A 285 8.65 5.43 -19.65
N ILE A 286 9.90 5.88 -19.75
CA ILE A 286 10.73 6.23 -18.59
C ILE A 286 11.10 7.71 -18.69
N HIS A 287 10.73 8.48 -17.65
CA HIS A 287 11.08 9.92 -17.56
C HIS A 287 12.27 10.14 -16.64
N ALA A 288 13.25 10.89 -17.13
CA ALA A 288 14.39 11.31 -16.32
C ALA A 288 14.29 12.82 -16.10
N ALA A 289 14.06 13.25 -14.86
CA ALA A 289 13.66 14.62 -14.62
C ALA A 289 12.60 15.01 -15.67
N ASN A 290 12.88 15.95 -16.56
CA ASN A 290 11.84 16.41 -17.47
C ASN A 290 12.04 15.82 -18.87
N GLN A 291 12.91 14.80 -18.99
CA GLN A 291 13.25 14.18 -20.29
C GLN A 291 12.62 12.78 -20.37
N ALA A 292 12.04 12.41 -21.52
CA ALA A 292 11.31 11.13 -21.67
C ALA A 292 12.05 10.19 -22.62
N VAL A 293 12.00 8.89 -22.32
CA VAL A 293 12.66 7.85 -23.12
C VAL A 293 11.69 6.68 -23.33
N ASP A 294 11.58 6.21 -24.58
CA ASP A 294 10.74 5.04 -24.88
C ASP A 294 11.58 3.76 -24.87
N GLN A 295 10.93 2.62 -25.13
CA GLN A 295 11.60 1.32 -25.02
C GLN A 295 12.78 1.28 -26.01
N ALA A 296 12.53 1.64 -27.27
CA ALA A 296 13.59 1.75 -28.26
C ALA A 296 14.74 2.60 -27.71
N GLY A 297 14.40 3.73 -27.08
CA GLY A 297 15.40 4.63 -26.49
C GLY A 297 16.12 4.01 -25.31
N ILE A 298 15.42 3.21 -24.51
CA ILE A 298 16.03 2.57 -23.34
C ILE A 298 17.04 1.52 -23.81
N GLU A 299 16.63 0.69 -24.78
CA GLU A 299 17.50 -0.36 -25.33
C GLU A 299 18.78 0.28 -25.92
N LYS A 300 18.64 1.46 -26.51
CA LYS A 300 19.80 2.18 -27.05
C LYS A 300 20.77 2.50 -25.91
N LEU A 301 20.22 3.05 -24.81
CA LEU A 301 21.00 3.42 -23.63
C LEU A 301 21.68 2.19 -23.02
N VAL A 302 20.95 1.08 -22.96
CA VAL A 302 21.52 -0.18 -22.45
C VAL A 302 22.70 -0.56 -23.35
N GLU A 303 22.45 -0.68 -24.65
CA GLU A 303 23.45 -1.14 -25.63
C GLU A 303 24.69 -0.22 -25.58
N ALA A 304 24.47 1.08 -25.38
CA ALA A 304 25.56 2.04 -25.25
C ALA A 304 26.37 1.75 -23.98
N MET A 305 25.65 1.41 -22.90
CA MET A 305 26.24 1.07 -21.59
C MET A 305 26.90 2.32 -20.97
#